data_6IDO
#
_entry.id   6IDO
#
_cell.length_a   154.540
_cell.length_b   154.540
_cell.length_c   144.960
_cell.angle_alpha   90.00
_cell.angle_beta   90.00
_cell.angle_gamma   90.00
#
_symmetry.space_group_name_H-M   'I 4 2 2'
#
loop_
_entity.id
_entity.type
_entity.pdbx_description
1 polymer 'RNA polymerase sigma factor RpoS,RNA polymerase beta-flap-tip-helix'
2 polymer "DNA (5'-D(P*GP*AP*TP*TP*TP*GP*TP*CP*AP*AP*GP*TP*GP*GP*C)-3')"
3 polymer "DNA (5'-D(P*CP*CP*AP*CP*TP*TP*GP*AP*CP*AP*AP*AP*TP*CP*G)-3')"
#
loop_
_entity_poly.entity_id
_entity_poly.type
_entity_poly.pdbx_seq_one_letter_code
_entity_poly.pdbx_strand_id
1 'polypeptide(L)'
;GAMGGPEDTTQDDDMKQSIVKWLFELNAKQREVLARRFGLLGYEAATLEDVGREIGLTRERVRQIQVEGLRRLREILQGQ
GLNIEALFREGSGSKGETQLTPEEKLLRAIFGEKA
;
A,B
2 'polydeoxyribonucleotide' (DG)(DA)(DT)(DT)(DT)(DG)(DT)(DC)(DA)(DA)(DG)(DT)(DG)(DG)(DC) C,E
3 'polydeoxyribonucleotide' (DG)(DC)(DC)(DA)(DC)(DT)(DT)(DG)(DA)(DC)(DA)(DA)(DA)(DT)(DC)(DG) D,F
#
# COMPACT_ATOMS: atom_id res chain seq x y z
N LYS A 16 -5.78 11.22 -3.30
CA LYS A 16 -5.61 12.46 -2.57
C LYS A 16 -6.61 12.53 -1.41
N GLN A 17 -7.22 11.39 -1.10
CA GLN A 17 -8.28 11.33 -0.12
C GLN A 17 -7.91 10.58 1.15
N SER A 18 -6.76 9.87 1.18
CA SER A 18 -6.36 9.12 2.34
C SER A 18 -4.84 9.22 2.51
N ILE A 19 -4.36 8.74 3.66
CA ILE A 19 -2.94 8.83 3.98
C ILE A 19 -2.16 7.79 3.19
N VAL A 20 -2.73 6.59 3.08
CA VAL A 20 -2.11 5.42 2.45
C VAL A 20 -1.52 5.79 1.09
N LYS A 21 -2.18 6.71 0.39
CA LYS A 21 -1.67 7.15 -0.90
C LYS A 21 -0.29 7.78 -0.76
N TRP A 22 -0.12 8.69 0.21
CA TRP A 22 1.17 9.34 0.40
C TRP A 22 2.21 8.41 1.02
N LEU A 23 1.79 7.24 1.48
CA LEU A 23 2.75 6.23 1.94
C LEU A 23 3.67 5.77 0.83
N PHE A 24 3.27 5.93 -0.43
CA PHE A 24 4.02 5.49 -1.60
C PHE A 24 5.11 6.48 -2.03
N GLU A 25 5.58 7.34 -1.12
CA GLU A 25 6.64 8.29 -1.42
C GLU A 25 7.93 7.96 -0.69
N LEU A 26 8.04 6.77 -0.10
CA LEU A 26 9.22 6.37 0.64
C LEU A 26 9.76 5.07 0.09
N ASN A 27 10.99 4.76 0.47
CA ASN A 27 11.61 3.48 0.14
C ASN A 27 10.76 2.33 0.67
N ALA A 28 10.97 1.13 0.13
CA ALA A 28 10.15 -0.01 0.53
C ALA A 28 10.29 -0.30 2.03
N LYS A 29 11.42 0.07 2.62
CA LYS A 29 11.63 -0.25 4.03
C LYS A 29 10.77 0.63 4.93
N GLN A 30 10.81 1.95 4.74
CA GLN A 30 9.91 2.80 5.51
C GLN A 30 8.45 2.59 5.12
N ARG A 31 8.19 2.02 3.95
CA ARG A 31 6.82 1.63 3.60
C ARG A 31 6.43 0.33 4.29
N GLU A 32 7.26 -0.70 4.15
CA GLU A 32 6.97 -2.00 4.73
C GLU A 32 6.86 -1.91 6.25
N VAL A 33 7.81 -1.21 6.89
CA VAL A 33 7.79 -1.09 8.34
C VAL A 33 6.52 -0.39 8.80
N LEU A 34 6.15 0.69 8.12
CA LEU A 34 4.93 1.41 8.50
C LEU A 34 3.69 0.56 8.31
N ALA A 35 3.51 -0.02 7.11
CA ALA A 35 2.31 -0.80 6.84
C ALA A 35 2.24 -2.02 7.75
N ARG A 36 3.37 -2.70 7.94
CA ARG A 36 3.38 -3.88 8.80
C ARG A 36 3.05 -3.53 10.24
N ARG A 37 3.41 -2.33 10.68
CA ARG A 37 3.23 -1.96 12.08
C ARG A 37 1.86 -1.40 12.39
N PHE A 38 1.23 -0.73 11.43
CA PHE A 38 -0.03 -0.05 11.67
C PHE A 38 -1.24 -0.81 11.14
N GLY A 39 -1.07 -2.06 10.75
CA GLY A 39 -2.17 -2.82 10.18
C GLY A 39 -2.63 -2.34 8.82
N LEU A 40 -1.83 -1.52 8.15
CA LEU A 40 -2.24 -0.92 6.89
C LEU A 40 -1.92 -1.83 5.72
N LEU A 41 -2.72 -1.67 4.65
CA LEU A 41 -2.40 -2.23 3.33
C LEU A 41 -2.25 -3.74 3.36
N GLY A 42 -3.25 -4.42 3.89
CA GLY A 42 -3.30 -5.87 3.86
C GLY A 42 -2.57 -6.56 4.98
N TYR A 43 -1.45 -5.99 5.46
CA TYR A 43 -0.78 -6.59 6.59
C TYR A 43 -1.61 -6.42 7.85
N GLU A 44 -1.45 -7.36 8.78
CA GLU A 44 -2.06 -7.25 10.09
C GLU A 44 -1.10 -6.54 11.02
N ALA A 45 -1.64 -5.61 11.81
CA ALA A 45 -0.82 -4.80 12.73
C ALA A 45 0.05 -5.70 13.60
N ALA A 46 1.35 -5.40 13.62
CA ALA A 46 2.33 -6.31 14.19
C ALA A 46 3.19 -5.60 15.23
N THR A 47 3.73 -6.39 16.15
CA THR A 47 4.70 -5.90 17.13
C THR A 47 6.00 -5.50 16.43
N LEU A 48 6.77 -4.67 17.12
CA LEU A 48 8.09 -4.30 16.62
C LEU A 48 8.94 -5.52 16.34
N GLU A 49 8.89 -6.51 17.24
CA GLU A 49 9.72 -7.69 17.09
C GLU A 49 9.31 -8.51 15.87
N ASP A 50 8.01 -8.77 15.72
CA ASP A 50 7.55 -9.59 14.60
C ASP A 50 7.83 -8.93 13.26
N VAL A 51 7.86 -7.60 13.21
CA VAL A 51 8.18 -6.93 11.96
C VAL A 51 9.66 -7.11 11.64
N GLY A 52 10.52 -6.95 12.64
CA GLY A 52 11.95 -7.09 12.41
C GLY A 52 12.34 -8.52 12.09
N ARG A 53 11.66 -9.49 12.69
CA ARG A 53 11.90 -10.89 12.38
C ARG A 53 11.48 -11.22 10.96
N GLU A 54 10.46 -10.52 10.43
CA GLU A 54 10.04 -10.78 9.07
C GLU A 54 10.87 -9.98 8.07
N ILE A 55 11.40 -8.83 8.47
CA ILE A 55 12.32 -8.09 7.60
C ILE A 55 13.71 -8.68 7.68
N GLY A 56 14.24 -8.83 8.89
CA GLY A 56 15.58 -9.36 9.07
C GLY A 56 16.44 -8.43 9.91
N LEU A 57 15.81 -7.52 10.64
CA LEU A 57 16.49 -6.54 11.45
C LEU A 57 16.13 -6.72 12.92
N THR A 58 16.86 -6.00 13.77
CA THR A 58 16.59 -6.04 15.19
C THR A 58 15.32 -5.25 15.52
N ARG A 59 14.67 -5.68 16.60
CA ARG A 59 13.48 -5.03 17.14
C ARG A 59 13.65 -3.52 17.20
N GLU A 60 14.86 -3.06 17.51
CA GLU A 60 15.10 -1.63 17.67
C GLU A 60 15.14 -0.92 16.32
N ARG A 61 15.97 -1.41 15.39
CA ARG A 61 16.10 -0.76 14.09
C ARG A 61 14.75 -0.57 13.40
N VAL A 62 13.79 -1.46 13.67
CA VAL A 62 12.46 -1.30 13.09
C VAL A 62 11.80 -0.04 13.61
N ARG A 63 12.01 0.26 14.90
CA ARG A 63 11.51 1.53 15.41
C ARG A 63 12.26 2.69 14.76
N GLN A 64 13.56 2.53 14.56
CA GLN A 64 14.35 3.55 13.88
C GLN A 64 13.84 3.77 12.46
N ILE A 65 13.63 2.68 11.71
CA ILE A 65 13.04 2.82 10.39
C ILE A 65 11.64 3.42 10.49
N GLN A 66 10.91 3.09 11.56
CA GLN A 66 9.59 3.66 11.73
C GLN A 66 9.66 5.16 11.90
N VAL A 67 10.50 5.63 12.83
CA VAL A 67 10.49 7.05 13.17
C VAL A 67 10.95 7.90 12.00
N GLU A 68 12.01 7.48 11.29
CA GLU A 68 12.44 8.21 10.11
C GLU A 68 11.29 8.36 9.12
N GLY A 69 10.79 7.24 8.61
CA GLY A 69 9.66 7.28 7.71
C GLY A 69 8.46 8.01 8.27
N LEU A 70 8.26 7.93 9.59
CA LEU A 70 7.18 8.68 10.21
C LEU A 70 7.50 10.16 10.27
N ARG A 71 8.70 10.50 10.75
CA ARG A 71 9.14 11.89 10.75
C ARG A 71 9.25 12.43 9.33
N ARG A 72 9.80 11.62 8.42
CA ARG A 72 9.91 12.04 7.03
C ARG A 72 8.53 12.15 6.37
N LEU A 73 7.54 11.42 6.87
CA LEU A 73 6.18 11.58 6.34
C LEU A 73 5.56 12.90 6.78
N ARG A 74 6.06 13.50 7.86
CA ARG A 74 5.58 14.82 8.25
C ARG A 74 6.11 15.89 7.30
N GLU A 75 7.39 15.80 6.93
CA GLU A 75 7.96 16.72 5.95
C GLU A 75 7.19 16.66 4.64
N ILE A 76 6.97 15.44 4.12
CA ILE A 76 6.28 15.26 2.85
C ILE A 76 4.88 15.86 2.91
N LEU A 77 4.21 15.73 4.06
CA LEU A 77 2.83 16.20 4.16
C LEU A 77 2.71 17.72 4.16
N GLN A 78 3.83 18.45 4.24
CA GLN A 78 3.82 19.91 4.08
C GLN A 78 3.75 20.29 2.61
N GLY A 79 2.69 19.80 1.97
CA GLY A 79 2.35 20.15 0.61
C GLY A 79 0.97 20.79 0.54
N GLN A 80 0.52 21.32 1.68
CA GLN A 80 -0.78 21.96 1.83
C GLN A 80 -1.90 21.01 1.39
N GLY A 81 -2.07 19.95 2.18
CA GLY A 81 -3.01 18.91 1.86
C GLY A 81 -4.39 19.07 2.45
N LEU A 82 -4.74 20.26 2.96
CA LEU A 82 -5.97 20.49 3.71
C LEU A 82 -6.13 19.43 4.80
N ASN A 83 -5.30 19.61 5.83
CA ASN A 83 -4.99 18.55 6.81
C ASN A 83 -6.22 17.90 7.42
N ILE A 84 -7.38 18.56 7.38
CA ILE A 84 -8.54 18.06 8.10
C ILE A 84 -9.17 16.83 7.44
N GLU A 85 -8.80 16.54 6.19
CA GLU A 85 -9.46 15.50 5.41
C GLU A 85 -9.39 14.13 6.10
N ALA A 86 -10.56 13.62 6.48
CA ALA A 86 -10.74 12.22 6.88
C ALA A 86 -9.76 11.83 7.97
N LEU A 87 -9.74 12.64 9.02
CA LEU A 87 -8.91 12.39 10.19
C LEU A 87 -9.82 12.01 11.34
N THR A 98 -10.83 -0.81 18.69
CA THR A 98 -10.71 0.38 19.53
C THR A 98 -11.42 1.57 18.88
N GLN A 99 -12.03 1.30 17.72
CA GLN A 99 -12.75 2.24 16.86
C GLN A 99 -11.80 3.10 16.02
N LEU A 100 -10.48 2.89 16.12
CA LEU A 100 -9.51 3.66 15.34
C LEU A 100 -9.05 2.80 14.17
N THR A 101 -9.57 3.09 12.98
CA THR A 101 -9.16 2.34 11.81
C THR A 101 -7.70 2.66 11.46
N PRO A 102 -6.91 1.64 11.08
CA PRO A 102 -5.45 1.79 10.98
C PRO A 102 -4.96 3.07 10.30
N GLU A 103 -5.72 3.60 9.35
CA GLU A 103 -5.34 4.87 8.72
C GLU A 103 -5.28 5.98 9.77
N GLU A 104 -6.26 5.99 10.67
CA GLU A 104 -6.31 7.05 11.68
C GLU A 104 -5.28 6.82 12.78
N LYS A 105 -4.82 5.58 12.96
CA LYS A 105 -3.70 5.35 13.87
C LYS A 105 -2.39 5.83 13.28
N LEU A 106 -2.31 5.99 11.96
CA LEU A 106 -1.08 6.49 11.35
C LEU A 106 -0.92 7.98 11.60
N LEU A 107 -1.97 8.76 11.32
CA LEU A 107 -1.87 10.22 11.39
C LEU A 107 -1.41 10.67 12.77
N ARG A 108 -2.13 10.29 13.82
CA ARG A 108 -1.74 10.70 15.17
C ARG A 108 -0.40 10.12 15.58
N ALA A 109 0.17 9.21 14.78
CA ALA A 109 1.55 8.79 14.96
C ALA A 109 2.52 9.71 14.24
N ILE A 110 2.15 10.25 13.08
CA ILE A 110 2.96 11.28 12.44
C ILE A 110 2.99 12.53 13.33
N PHE A 111 1.82 13.11 13.56
CA PHE A 111 1.69 14.33 14.36
C PHE A 111 0.52 14.26 15.33
N GLN D 17 13.74 1.23 -7.01
CA GLN D 17 12.42 1.80 -7.20
C GLN D 17 11.46 0.78 -7.81
N SER D 18 10.95 -0.12 -6.97
CA SER D 18 10.08 -1.18 -7.45
C SER D 18 8.76 -0.62 -7.98
N ILE D 19 8.18 -1.35 -8.94
CA ILE D 19 6.97 -0.90 -9.65
C ILE D 19 5.85 -0.56 -8.68
N VAL D 20 5.86 -1.17 -7.50
CA VAL D 20 4.75 -1.01 -6.54
C VAL D 20 4.59 0.44 -6.11
N LYS D 21 5.68 1.22 -6.13
CA LYS D 21 5.57 2.64 -5.78
C LYS D 21 4.66 3.40 -6.74
N TRP D 22 4.43 2.86 -7.93
CA TRP D 22 3.64 3.53 -8.95
C TRP D 22 2.15 3.25 -8.82
N LEU D 23 1.73 2.58 -7.74
CA LEU D 23 0.32 2.53 -7.36
C LEU D 23 -0.16 3.85 -6.76
N PHE D 24 0.74 4.83 -6.62
CA PHE D 24 0.43 6.15 -6.09
C PHE D 24 -0.76 6.77 -6.82
N GLU D 25 -0.54 7.17 -8.08
CA GLU D 25 -1.48 8.01 -8.80
C GLU D 25 -2.71 7.26 -9.29
N LEU D 26 -3.11 6.20 -8.61
CA LEU D 26 -4.24 5.38 -9.03
C LEU D 26 -5.49 5.71 -8.25
N ASN D 27 -6.63 5.25 -8.79
CA ASN D 27 -7.94 5.39 -8.17
C ASN D 27 -7.92 4.72 -6.79
N ALA D 28 -8.93 5.01 -5.97
CA ALA D 28 -9.00 4.46 -4.63
C ALA D 28 -9.02 2.94 -4.65
N LYS D 29 -10.04 2.36 -5.30
CA LYS D 29 -10.19 0.91 -5.35
C LYS D 29 -9.45 0.26 -6.52
N GLN D 30 -9.01 1.03 -7.51
CA GLN D 30 -8.25 0.43 -8.60
C GLN D 30 -6.88 -0.06 -8.14
N ARG D 31 -6.38 0.41 -7.00
CA ARG D 31 -5.15 -0.19 -6.49
C ARG D 31 -5.41 -1.28 -5.47
N GLU D 32 -6.56 -1.26 -4.79
CA GLU D 32 -6.94 -2.41 -3.99
C GLU D 32 -7.16 -3.63 -4.87
N VAL D 33 -7.88 -3.45 -5.98
CA VAL D 33 -8.12 -4.55 -6.91
C VAL D 33 -6.80 -5.10 -7.43
N LEU D 34 -5.90 -4.20 -7.86
CA LEU D 34 -4.62 -4.64 -8.38
C LEU D 34 -3.77 -5.29 -7.29
N ALA D 35 -3.71 -4.66 -6.11
CA ALA D 35 -2.90 -5.23 -5.04
C ALA D 35 -3.46 -6.55 -4.55
N ARG D 36 -4.77 -6.72 -4.60
CA ARG D 36 -5.35 -7.98 -4.14
C ARG D 36 -5.20 -9.08 -5.17
N ARG D 37 -5.35 -8.74 -6.45
CA ARG D 37 -5.30 -9.77 -7.49
C ARG D 37 -3.88 -10.20 -7.84
N PHE D 38 -2.88 -9.37 -7.54
CA PHE D 38 -1.51 -9.72 -7.88
C PHE D 38 -0.69 -10.18 -6.70
N GLY D 39 -1.16 -9.96 -5.47
CA GLY D 39 -0.52 -10.52 -4.31
C GLY D 39 0.66 -9.75 -3.77
N LEU D 40 0.91 -8.55 -4.27
CA LEU D 40 1.97 -7.73 -3.71
C LEU D 40 1.44 -6.97 -2.50
N LEU D 41 2.30 -6.15 -1.90
CA LEU D 41 1.89 -5.21 -0.88
C LEU D 41 1.30 -5.90 0.35
N GLY D 42 1.74 -7.14 0.63
CA GLY D 42 1.28 -7.86 1.79
C GLY D 42 -0.05 -8.57 1.64
N TYR D 43 -0.70 -8.45 0.49
CA TYR D 43 -1.88 -9.24 0.19
C TYR D 43 -1.45 -10.59 -0.39
N GLU D 44 -2.39 -11.52 -0.42
CA GLU D 44 -2.18 -12.80 -1.09
C GLU D 44 -3.02 -12.82 -2.36
N ALA D 45 -2.39 -13.20 -3.47
CA ALA D 45 -3.06 -13.19 -4.77
C ALA D 45 -4.35 -13.98 -4.69
N ALA D 46 -5.44 -13.39 -5.17
CA ALA D 46 -6.76 -13.98 -5.05
C ALA D 46 -7.44 -14.00 -6.41
N THR D 47 -8.42 -14.89 -6.53
CA THR D 47 -9.24 -14.96 -7.73
C THR D 47 -10.05 -13.68 -7.89
N LEU D 48 -10.76 -13.60 -9.02
CA LEU D 48 -11.65 -12.48 -9.26
C LEU D 48 -12.72 -12.38 -8.18
N GLU D 49 -13.46 -13.47 -7.97
CA GLU D 49 -14.58 -13.39 -7.04
C GLU D 49 -14.10 -13.23 -5.60
N ASP D 50 -12.95 -13.81 -5.25
CA ASP D 50 -12.43 -13.62 -3.90
C ASP D 50 -12.09 -12.16 -3.66
N VAL D 51 -11.45 -11.49 -4.63
CA VAL D 51 -11.24 -10.06 -4.51
C VAL D 51 -12.58 -9.34 -4.48
N GLY D 52 -13.53 -9.78 -5.30
CA GLY D 52 -14.84 -9.16 -5.35
C GLY D 52 -15.65 -9.34 -4.08
N ARG D 53 -15.35 -10.36 -3.28
CA ARG D 53 -16.14 -10.58 -2.08
C ARG D 53 -15.78 -9.61 -0.97
N GLU D 54 -14.52 -9.18 -0.89
CA GLU D 54 -14.12 -8.23 0.15
C GLU D 54 -14.46 -6.78 -0.18
N ILE D 55 -14.61 -6.45 -1.46
CA ILE D 55 -14.90 -5.07 -1.83
C ILE D 55 -16.41 -4.83 -1.92
N GLY D 56 -17.15 -5.76 -2.51
CA GLY D 56 -18.58 -5.63 -2.59
C GLY D 56 -19.11 -5.53 -4.00
N LEU D 57 -18.31 -6.02 -4.97
CA LEU D 57 -18.70 -6.00 -6.37
C LEU D 57 -18.69 -7.42 -6.92
N THR D 58 -19.32 -7.58 -8.09
CA THR D 58 -19.40 -8.88 -8.73
C THR D 58 -18.02 -9.35 -9.17
N ARG D 59 -17.88 -10.68 -9.26
CA ARG D 59 -16.68 -11.26 -9.86
C ARG D 59 -16.36 -10.58 -11.19
N GLU D 60 -17.39 -10.35 -12.01
CA GLU D 60 -17.17 -9.72 -13.31
C GLU D 60 -16.69 -8.28 -13.15
N ARG D 61 -17.35 -7.51 -12.29
CA ARG D 61 -17.03 -6.09 -12.16
C ARG D 61 -15.56 -5.88 -11.81
N VAL D 62 -15.00 -6.75 -10.96
CA VAL D 62 -13.60 -6.59 -10.56
C VAL D 62 -12.68 -6.73 -11.76
N ARG D 63 -13.09 -7.50 -12.78
CA ARG D 63 -12.26 -7.55 -13.99
C ARG D 63 -12.21 -6.17 -14.62
N GLN D 64 -13.39 -5.55 -14.81
CA GLN D 64 -13.46 -4.23 -15.41
C GLN D 64 -12.62 -3.23 -14.63
N ILE D 65 -12.77 -3.24 -13.30
CA ILE D 65 -11.96 -2.35 -12.46
C ILE D 65 -10.48 -2.66 -12.63
N GLN D 66 -10.14 -3.94 -12.84
CA GLN D 66 -8.75 -4.31 -13.03
C GLN D 66 -8.17 -3.67 -14.28
N VAL D 67 -8.88 -3.79 -15.42
CA VAL D 67 -8.33 -3.32 -16.69
C VAL D 67 -8.03 -1.83 -16.63
N GLU D 68 -8.99 -1.04 -16.13
CA GLU D 68 -8.75 0.39 -15.99
C GLU D 68 -7.51 0.65 -15.16
N GLY D 69 -7.30 -0.15 -14.11
CA GLY D 69 -6.11 0.01 -13.29
C GLY D 69 -4.83 -0.17 -14.07
N LEU D 70 -4.80 -1.16 -14.96
CA LEU D 70 -3.59 -1.40 -15.75
C LEU D 70 -3.52 -0.46 -16.95
N ARG D 71 -4.65 -0.20 -17.62
CA ARG D 71 -4.63 0.74 -18.75
C ARG D 71 -4.18 2.11 -18.30
N ARG D 72 -4.71 2.60 -17.18
CA ARG D 72 -4.25 3.86 -16.62
C ARG D 72 -2.82 3.75 -16.13
N LEU D 73 -2.37 2.55 -15.78
CA LEU D 73 -1.01 2.38 -15.29
C LEU D 73 0.01 2.50 -16.42
N ARG D 74 -0.25 1.86 -17.57
CA ARG D 74 0.69 1.93 -18.67
C ARG D 74 0.77 3.35 -19.24
N GLU D 75 -0.38 4.01 -19.39
CA GLU D 75 -0.38 5.40 -19.85
C GLU D 75 0.38 6.29 -18.87
N ILE D 76 0.29 5.98 -17.57
CA ILE D 76 1.09 6.70 -16.58
C ILE D 76 2.57 6.39 -16.77
N LEU D 77 2.89 5.19 -17.21
CA LEU D 77 4.27 4.75 -17.40
C LEU D 77 4.87 5.18 -18.73
N GLN D 78 4.15 5.98 -19.52
CA GLN D 78 4.72 6.56 -20.74
C GLN D 78 5.29 7.96 -20.45
N GLY D 79 6.29 7.97 -19.58
CA GLY D 79 6.94 9.20 -19.16
C GLY D 79 7.77 9.02 -17.90
N THR D 98 7.94 -21.89 -10.83
CA THR D 98 8.26 -20.78 -11.73
C THR D 98 8.41 -19.48 -10.96
N GLN D 99 9.64 -19.16 -10.57
CA GLN D 99 9.90 -17.93 -9.82
C GLN D 99 9.46 -16.71 -10.63
N LEU D 100 8.65 -15.86 -10.01
CA LEU D 100 8.12 -14.67 -10.66
C LEU D 100 7.47 -13.73 -9.64
N THR D 101 8.23 -12.84 -9.03
CA THR D 101 7.70 -12.06 -7.93
C THR D 101 6.55 -11.18 -8.43
N PRO D 102 5.52 -10.94 -7.61
CA PRO D 102 4.29 -10.31 -8.12
C PRO D 102 4.51 -8.97 -8.81
N GLU D 103 5.57 -8.24 -8.47
CA GLU D 103 5.88 -7.01 -9.22
C GLU D 103 6.13 -7.34 -10.69
N GLU D 104 6.84 -8.43 -10.95
CA GLU D 104 7.05 -8.87 -12.32
C GLU D 104 5.75 -9.35 -12.94
N LYS D 105 4.98 -10.16 -12.21
CA LYS D 105 3.66 -10.55 -12.69
C LYS D 105 2.77 -9.33 -12.93
N LEU D 106 3.06 -8.21 -12.25
CA LEU D 106 2.37 -6.96 -12.55
C LEU D 106 2.91 -6.37 -13.84
N LEU D 107 4.23 -6.28 -13.96
CA LEU D 107 4.85 -5.72 -15.16
C LEU D 107 4.43 -6.48 -16.41
N ARG D 108 4.48 -7.82 -16.35
CA ARG D 108 4.10 -8.62 -17.50
C ARG D 108 2.64 -8.35 -17.89
N ALA D 109 1.80 -8.06 -16.91
CA ALA D 109 0.39 -7.80 -17.17
C ALA D 109 0.11 -6.34 -17.54
N ILE D 110 0.98 -5.41 -17.17
CA ILE D 110 0.80 -4.02 -17.57
C ILE D 110 0.81 -3.90 -19.09
N PHE D 111 1.87 -4.41 -19.72
CA PHE D 111 2.02 -4.39 -21.16
C PHE D 111 2.68 -5.67 -21.68
#